data_8IT4
#
_entry.id   8IT4
#
_cell.length_a   45.859
_cell.length_b   70.687
_cell.length_c   167.532
_cell.angle_alpha   90.00
_cell.angle_beta   90.00
_cell.angle_gamma   90.00
#
_symmetry.space_group_name_H-M   'P 21 21 21'
#
loop_
_entity.id
_entity.type
_entity.pdbx_description
1 polymer 'Phosphoglycerate mutase 1'
2 non-polymer 'CHLORIDE ION'
3 non-polymer '3-[[5-(4-chlorophenyl)-2-methoxycarbonyl-thiophen-3-yl]sulfamoyl]benzenesulfonic acid'
4 water water
#
_entity_poly.entity_id   1
_entity_poly.type   'polypeptide(L)'
_entity_poly.pdbx_seq_one_letter_code
;MAAYKLVLIRHGESAWNLENRFSGWYDADLSPAGHEEAKRGGQALRDAGYEFDICFTSVQKRAIRTLWTVLDAIDQMWLP
VVRTWRLNERH(TYB)GGLTGLNKAETAAKHGEAQVKIWRRSYDVPPPPMEPDHPFYSNISKDRRYADLTEDQLPSCESL
KDTIARALPFWNEEIVPQIKEGKRVLIAAHGNSLRGIVKHLEGLSEEAIMELNLPTGIPIVYELDKNLKPIKPMQFLGDE
ETVRKAMEAVAAQGKAKKLEHHHHHH
;
_entity_poly.pdbx_strand_id   A,B
#
loop_
_chem_comp.id
_chem_comp.type
_chem_comp.name
_chem_comp.formula
CL non-polymer 'CHLORIDE ION' 'Cl -1'
SKU non-polymer '3-[[5-(4-chlorophenyl)-2-methoxycarbonyl-thiophen-3-yl]sulfamoyl]benzenesulfonic acid' 'C18 H14 Cl N O7 S3'
#
# COMPACT_ATOMS: atom_id res chain seq x y z
N ALA A 3 -3.03 -7.43 27.29
CA ALA A 3 -3.47 -6.05 27.10
C ALA A 3 -3.15 -5.60 25.68
N TYR A 4 -4.16 -5.63 24.79
CA TYR A 4 -3.89 -5.27 23.41
C TYR A 4 -3.37 -3.85 23.34
N LYS A 5 -2.49 -3.61 22.36
CA LYS A 5 -2.04 -2.27 22.01
C LYS A 5 -2.63 -1.89 20.66
N LEU A 6 -3.25 -0.71 20.60
CA LEU A 6 -3.81 -0.16 19.36
C LEU A 6 -3.17 1.20 19.12
N VAL A 7 -2.86 1.50 17.86
CA VAL A 7 -2.19 2.76 17.53
C VAL A 7 -2.96 3.48 16.44
N LEU A 8 -3.30 4.73 16.70
CA LEU A 8 -3.91 5.64 15.76
C LEU A 8 -2.91 6.73 15.39
N ILE A 9 -2.99 7.23 14.17
CA ILE A 9 -2.24 8.45 13.81
C ILE A 9 -3.10 9.28 12.87
N ARG A 10 -3.14 10.58 13.12
CA ARG A 10 -3.89 11.52 12.29
C ARG A 10 -2.92 12.27 11.40
N HIS A 11 -3.19 12.29 10.10
CA HIS A 11 -2.32 12.95 9.16
C HIS A 11 -2.19 14.44 9.49
N GLY A 12 -1.11 15.04 8.97
CA GLY A 12 -0.81 16.42 9.20
C GLY A 12 -1.35 17.36 8.14
N GLU A 13 -0.73 18.54 8.06
CA GLU A 13 -1.20 19.62 7.23
C GLU A 13 -1.25 19.24 5.76
N SER A 14 -2.33 19.64 5.08
CA SER A 14 -2.54 19.36 3.67
C SER A 14 -2.27 20.59 2.81
N ALA A 15 -2.34 20.39 1.49
CA ALA A 15 -2.18 21.51 0.55
C ALA A 15 -3.32 22.51 0.66
N TRP A 16 -4.54 22.05 0.96
CA TRP A 16 -5.65 22.98 1.07
C TRP A 16 -5.66 23.70 2.43
N ASN A 17 -5.12 23.11 3.50
CA ASN A 17 -4.90 23.90 4.72
C ASN A 17 -4.07 25.14 4.41
N LEU A 18 -3.05 25.01 3.56
CA LEU A 18 -2.23 26.14 3.19
C LEU A 18 -3.01 27.24 2.48
N GLU A 19 -4.18 26.91 1.92
CA GLU A 19 -5.08 27.92 1.37
C GLU A 19 -6.32 28.12 2.23
N ASN A 20 -6.34 27.54 3.43
CA ASN A 20 -7.50 27.59 4.32
C ASN A 20 -8.79 27.33 3.55
N ARG A 21 -8.84 26.15 2.93
CA ARG A 21 -9.99 25.69 2.18
C ARG A 21 -10.49 24.42 2.81
N PHE A 22 -11.81 24.29 2.92
CA PHE A 22 -12.39 23.03 3.37
C PHE A 22 -12.15 21.95 2.33
N SER A 23 -11.46 20.88 2.71
CA SER A 23 -11.22 19.80 1.77
C SER A 23 -12.21 18.65 1.91
N GLY A 24 -12.46 18.16 3.11
CA GLY A 24 -13.45 17.10 3.27
C GLY A 24 -13.05 15.88 2.45
N TRP A 25 -13.91 15.48 1.50
CA TRP A 25 -13.57 14.33 0.65
C TRP A 25 -12.72 14.72 -0.53
N TYR A 26 -12.47 16.01 -0.75
CA TYR A 26 -11.48 16.37 -1.75
C TYR A 26 -10.11 15.81 -1.37
N ASP A 27 -9.43 15.21 -2.33
CA ASP A 27 -8.26 14.37 -2.06
C ASP A 27 -6.97 15.19 -2.07
N ALA A 28 -6.94 16.22 -1.22
CA ALA A 28 -5.74 17.04 -1.12
C ALA A 28 -4.55 16.22 -0.65
N ASP A 29 -3.39 16.46 -1.26
CA ASP A 29 -2.17 15.79 -0.81
C ASP A 29 -1.60 16.52 0.41
N LEU A 30 -0.68 15.86 1.11
CA LEU A 30 0.02 16.52 2.20
C LEU A 30 0.84 17.69 1.67
N SER A 31 0.90 18.77 2.46
CA SER A 31 1.91 19.78 2.23
C SER A 31 3.28 19.21 2.58
N PRO A 32 4.36 19.84 2.10
CA PRO A 32 5.70 19.40 2.52
C PRO A 32 5.85 19.23 4.03
N ALA A 33 5.22 20.13 4.80
CA ALA A 33 5.32 20.09 6.27
C ALA A 33 4.48 18.97 6.86
N GLY A 34 3.30 18.69 6.30
CA GLY A 34 2.54 17.52 6.74
C GLY A 34 3.30 16.23 6.47
N HIS A 35 4.02 16.19 5.34
CA HIS A 35 4.89 15.05 5.08
C HIS A 35 5.96 14.91 6.15
N GLU A 36 6.56 16.05 6.55
CA GLU A 36 7.55 16.03 7.63
C GLU A 36 6.96 15.54 8.94
N GLU A 37 5.75 15.99 9.26
CA GLU A 37 5.09 15.51 10.47
C GLU A 37 5.01 13.99 10.47
N ALA A 38 4.61 13.42 9.33
CA ALA A 38 4.48 11.96 9.29
C ALA A 38 5.83 11.28 9.46
N LYS A 39 6.89 11.87 8.89
CA LYS A 39 8.23 11.32 9.10
C LYS A 39 8.58 11.29 10.59
N ARG A 40 8.26 12.37 11.31
CA ARG A 40 8.55 12.41 12.74
C ARG A 40 7.73 11.37 13.50
N GLY A 41 6.45 11.26 13.18
CA GLY A 41 5.66 10.24 13.84
C GLY A 41 6.23 8.86 13.60
N GLY A 42 6.69 8.62 12.36
CA GLY A 42 7.35 7.36 12.05
C GLY A 42 8.58 7.13 12.92
N GLN A 43 9.48 8.12 12.97
CA GLN A 43 10.67 8.00 13.81
C GLN A 43 10.30 7.68 15.24
N ALA A 44 9.22 8.29 15.75
CA ALA A 44 8.84 8.07 17.13
C ALA A 44 8.37 6.64 17.34
N LEU A 45 7.74 6.05 16.32
CA LEU A 45 7.40 4.64 16.46
C LEU A 45 8.61 3.73 16.25
N ARG A 46 9.56 4.16 15.41
CA ARG A 46 10.79 3.40 15.24
C ARG A 46 11.58 3.34 16.55
N ASP A 47 11.84 4.51 17.16
CA ASP A 47 12.60 4.59 18.39
C ASP A 47 11.96 3.76 19.50
N ALA A 48 10.63 3.80 19.60
CA ALA A 48 9.95 3.01 20.61
C ALA A 48 9.89 1.54 20.27
N GLY A 49 10.36 1.13 19.09
CA GLY A 49 10.36 -0.28 18.72
C GLY A 49 9.00 -0.88 18.39
N TYR A 50 8.03 -0.07 17.98
CA TYR A 50 6.69 -0.57 17.73
C TYR A 50 6.66 -1.49 16.53
N GLU A 51 5.86 -2.57 16.63
CA GLU A 51 5.62 -3.48 15.53
C GLU A 51 4.12 -3.66 15.34
N PHE A 52 3.72 -3.85 14.09
CA PHE A 52 2.34 -4.05 13.74
C PHE A 52 2.21 -5.30 12.88
N ASP A 53 0.97 -5.78 12.77
CA ASP A 53 0.66 -6.86 11.85
C ASP A 53 -0.28 -6.44 10.72
N ILE A 54 -0.96 -5.30 10.86
CA ILE A 54 -1.92 -4.88 9.85
C ILE A 54 -2.28 -3.41 10.06
N CYS A 55 -2.45 -2.72 8.95
CA CYS A 55 -2.69 -1.29 8.92
C CYS A 55 -3.99 -1.01 8.19
N PHE A 56 -4.72 -0.01 8.69
CA PHE A 56 -5.95 0.47 8.08
C PHE A 56 -5.81 1.95 7.81
N THR A 57 -6.43 2.40 6.71
CA THR A 57 -6.41 3.80 6.32
C THR A 57 -7.63 4.08 5.44
N SER A 58 -7.76 5.34 5.02
CA SER A 58 -8.87 5.77 4.17
C SER A 58 -8.51 5.55 2.70
N VAL A 59 -9.34 6.08 1.79
CA VAL A 59 -8.99 6.13 0.37
C VAL A 59 -8.49 7.51 -0.05
N GLN A 60 -8.05 8.32 0.92
CA GLN A 60 -7.53 9.66 0.63
C GLN A 60 -6.03 9.71 0.87
N LYS A 61 -5.31 10.33 -0.08
CA LYS A 61 -3.85 10.23 -0.16
C LYS A 61 -3.12 10.95 0.97
N ARG A 62 -3.72 11.94 1.64
CA ARG A 62 -3.01 12.51 2.77
C ARG A 62 -2.89 11.49 3.91
N ALA A 63 -3.94 10.67 4.11
CA ALA A 63 -3.85 9.57 5.08
C ALA A 63 -2.90 8.48 4.58
N ILE A 64 -3.09 8.03 3.34
CA ILE A 64 -2.31 6.92 2.80
C ILE A 64 -0.82 7.26 2.80
N ARG A 65 -0.46 8.46 2.33
CA ARG A 65 0.94 8.86 2.35
C ARG A 65 1.46 8.97 3.79
N THR A 66 0.63 9.39 4.75
CA THR A 66 1.08 9.33 6.14
C THR A 66 1.43 7.89 6.54
N LEU A 67 0.54 6.94 6.22
CA LEU A 67 0.80 5.54 6.54
C LEU A 67 2.07 5.05 5.85
N TRP A 68 2.21 5.33 4.55
CA TRP A 68 3.39 4.92 3.81
C TRP A 68 4.65 5.46 4.48
N THR A 69 4.64 6.74 4.82
CA THR A 69 5.80 7.34 5.48
C THR A 69 6.12 6.61 6.78
N VAL A 70 5.08 6.27 7.56
CA VAL A 70 5.34 5.63 8.84
C VAL A 70 5.91 4.23 8.64
N LEU A 71 5.38 3.48 7.67
CA LEU A 71 5.86 2.11 7.42
C LEU A 71 7.27 2.12 6.86
N ASP A 72 7.61 3.13 6.06
CA ASP A 72 8.99 3.31 5.65
C ASP A 72 9.88 3.51 6.87
N ALA A 73 9.48 4.43 7.77
CA ALA A 73 10.27 4.75 8.95
C ALA A 73 10.46 3.55 9.88
N ILE A 74 9.44 2.71 10.07
CA ILE A 74 9.56 1.58 10.99
C ILE A 74 9.96 0.30 10.28
N ASP A 75 10.37 0.39 9.02
CA ASP A 75 10.78 -0.76 8.21
C ASP A 75 9.74 -1.88 8.22
N GLN A 76 8.47 -1.53 8.09
CA GLN A 76 7.41 -2.54 7.98
C GLN A 76 6.56 -2.31 6.73
N MET A 77 7.24 -1.99 5.64
CA MET A 77 6.61 -1.74 4.35
C MET A 77 5.90 -2.97 3.81
N TRP A 78 6.23 -4.14 4.36
CA TRP A 78 5.70 -5.41 3.91
C TRP A 78 4.34 -5.73 4.53
N LEU A 79 3.87 -4.92 5.47
CA LEU A 79 2.67 -5.28 6.21
C LEU A 79 1.45 -5.20 5.30
N PRO A 80 0.41 -5.99 5.60
CA PRO A 80 -0.86 -5.82 4.86
C PRO A 80 -1.49 -4.47 5.12
N VAL A 81 -2.01 -3.84 4.07
CA VAL A 81 -2.69 -2.55 4.17
C VAL A 81 -4.09 -2.67 3.61
N VAL A 82 -5.08 -2.16 4.35
CA VAL A 82 -6.48 -2.19 3.96
C VAL A 82 -6.99 -0.75 3.89
N ARG A 83 -7.63 -0.39 2.78
CA ARG A 83 -8.12 0.97 2.56
C ARG A 83 -9.65 0.96 2.51
N THR A 84 -10.26 1.94 3.16
CA THR A 84 -11.72 2.02 3.11
C THR A 84 -12.15 3.48 3.13
N TRP A 85 -13.16 3.80 2.32
CA TRP A 85 -13.79 5.10 2.37
C TRP A 85 -14.42 5.38 3.72
N ARG A 86 -14.68 4.34 4.50
CA ARG A 86 -15.34 4.55 5.77
C ARG A 86 -14.42 5.21 6.79
N LEU A 87 -13.12 5.35 6.50
CA LEU A 87 -12.20 6.12 7.33
C LEU A 87 -11.90 7.51 6.75
N ASN A 88 -12.51 7.86 5.60
CA ASN A 88 -12.35 9.21 5.05
C ASN A 88 -12.68 10.27 6.08
N GLU A 89 -12.11 11.44 5.86
CA GLU A 89 -12.55 12.69 6.46
C GLU A 89 -14.07 12.86 6.35
N ARG A 90 -14.62 13.69 7.23
CA ARG A 90 -15.99 14.13 7.15
C ARG A 90 -16.27 14.81 5.81
N HIS A 91 -17.37 14.44 5.17
CA HIS A 91 -17.72 15.05 3.88
C HIS A 91 -18.32 16.46 4.07
N TYB A 92 -17.45 17.54 3.77
CA TYB A 92 -18.06 18.81 4.15
C TYB A 92 -19.02 19.25 3.04
O TYB A 92 -19.44 20.44 3.06
CB TYB A 92 -16.98 19.87 4.30
CG TYB A 92 -16.24 19.79 5.65
CD1 TYB A 92 -16.44 20.72 6.67
CD2 TYB A 92 -15.33 18.77 5.84
CE1 TYB A 92 -15.72 20.61 7.87
CE2 TYB A 92 -14.61 18.65 7.02
CZ TYB A 92 -14.80 19.58 8.03
OH TYB A 92 -14.05 19.42 9.21
N GLY A 93 -19.89 18.58 2.13
CA GLY A 93 -20.85 19.00 1.11
C GLY A 93 -20.44 20.25 0.37
N GLY A 94 -21.35 21.23 0.35
CA GLY A 94 -21.16 22.44 -0.44
C GLY A 94 -20.03 23.34 0.01
N LEU A 95 -19.52 23.16 1.23
CA LEU A 95 -18.41 24.00 1.67
C LEU A 95 -17.07 23.55 1.11
N THR A 96 -17.01 22.35 0.55
CA THR A 96 -15.80 21.81 -0.06
C THR A 96 -15.20 22.84 -1.00
N GLY A 97 -13.95 23.22 -0.76
CA GLY A 97 -13.26 24.16 -1.63
C GLY A 97 -13.36 25.61 -1.23
N LEU A 98 -14.36 26.00 -0.43
CA LEU A 98 -14.47 27.38 0.03
C LEU A 98 -13.52 27.65 1.19
N ASN A 99 -13.13 28.92 1.34
CA ASN A 99 -12.47 29.33 2.57
C ASN A 99 -13.52 29.78 3.58
N LYS A 100 -13.06 30.24 4.74
CA LYS A 100 -13.99 30.64 5.80
C LYS A 100 -14.71 31.94 5.45
N ALA A 101 -14.02 32.88 4.82
CA ALA A 101 -14.67 34.14 4.44
C ALA A 101 -15.78 33.88 3.43
N GLU A 102 -15.46 33.11 2.38
CA GLU A 102 -16.47 32.71 1.41
C GLU A 102 -17.64 32.00 2.07
N THR A 103 -17.36 31.16 3.08
CA THR A 103 -18.41 30.40 3.73
C THR A 103 -19.34 31.32 4.53
N ALA A 104 -18.76 32.26 5.27
CA ALA A 104 -19.56 33.19 6.05
C ALA A 104 -20.39 34.08 5.15
N ALA A 105 -19.79 34.56 4.05
CA ALA A 105 -20.54 35.37 3.09
C ALA A 105 -21.71 34.58 2.51
N LYS A 106 -21.49 33.32 2.14
CA LYS A 106 -22.55 32.59 1.46
C LYS A 106 -23.66 32.20 2.44
N HIS A 107 -23.31 31.77 3.66
CA HIS A 107 -24.29 31.10 4.54
C HIS A 107 -24.61 31.84 5.83
N GLY A 108 -23.89 32.88 6.22
CA GLY A 108 -24.26 33.58 7.42
C GLY A 108 -23.47 33.17 8.65
N GLU A 109 -23.13 34.16 9.47
CA GLU A 109 -22.46 33.87 10.73
C GLU A 109 -23.31 32.99 11.63
N ALA A 110 -24.64 33.11 11.52
CA ALA A 110 -25.53 32.28 12.33
C ALA A 110 -25.36 30.80 12.01
N GLN A 111 -25.56 30.45 10.72
CA GLN A 111 -25.41 29.05 10.31
C GLN A 111 -24.00 28.54 10.60
N VAL A 112 -23.01 29.42 10.46
CA VAL A 112 -21.63 29.00 10.70
C VAL A 112 -21.43 28.60 12.16
N LYS A 113 -21.90 29.43 13.10
CA LYS A 113 -21.78 29.06 14.51
C LYS A 113 -22.55 27.79 14.81
N ILE A 114 -23.70 27.61 14.17
CA ILE A 114 -24.46 26.38 14.37
C ILE A 114 -23.62 25.18 13.97
N TRP A 115 -22.99 25.24 12.79
CA TRP A 115 -22.18 24.11 12.34
C TRP A 115 -21.01 23.86 13.27
N ARG A 116 -20.31 24.93 13.67
CA ARG A 116 -19.14 24.75 14.51
C ARG A 116 -19.51 24.09 15.84
N ARG A 117 -20.72 24.34 16.35
CA ARG A 117 -21.06 23.78 17.65
C ARG A 117 -21.81 22.45 17.59
N SER A 118 -22.34 22.06 16.42
CA SER A 118 -23.33 20.99 16.35
C SER A 118 -22.76 19.64 15.93
N TYR A 119 -23.29 18.58 16.56
CA TYR A 119 -22.88 17.20 16.32
C TYR A 119 -23.70 16.52 15.24
N ASP A 120 -24.90 17.03 14.93
CA ASP A 120 -25.79 16.36 13.99
C ASP A 120 -26.40 17.29 12.95
N VAL A 121 -25.91 18.52 12.81
CA VAL A 121 -26.37 19.43 11.76
C VAL A 121 -25.37 19.34 10.59
N PRO A 122 -25.76 18.80 9.45
CA PRO A 122 -24.80 18.66 8.34
C PRO A 122 -24.54 19.98 7.67
N PRO A 123 -23.49 20.07 6.86
CA PRO A 123 -23.31 21.23 5.97
C PRO A 123 -24.27 21.14 4.79
N PRO A 124 -24.33 22.16 3.95
CA PRO A 124 -25.18 22.08 2.75
C PRO A 124 -24.74 20.92 1.89
N PRO A 125 -25.66 20.30 1.17
CA PRO A 125 -25.26 19.21 0.30
C PRO A 125 -24.38 19.73 -0.83
N MET A 126 -23.55 18.83 -1.34
CA MET A 126 -22.77 19.12 -2.54
C MET A 126 -23.69 18.94 -3.73
N GLU A 127 -24.09 20.05 -4.35
CA GLU A 127 -25.07 19.96 -5.43
C GLU A 127 -24.38 19.67 -6.75
N PRO A 128 -25.12 19.12 -7.73
CA PRO A 128 -24.51 18.79 -9.02
C PRO A 128 -23.84 19.96 -9.74
N ASP A 129 -24.24 21.20 -9.46
CA ASP A 129 -23.53 22.34 -10.03
C ASP A 129 -22.29 22.74 -9.21
N HIS A 130 -21.97 22.01 -8.14
CA HIS A 130 -20.82 22.38 -7.31
C HIS A 130 -19.53 22.17 -8.09
N PRO A 131 -18.53 23.04 -7.92
CA PRO A 131 -17.28 22.91 -8.70
C PRO A 131 -16.59 21.56 -8.57
N PHE A 132 -16.69 20.90 -7.40
CA PHE A 132 -16.03 19.63 -7.16
C PHE A 132 -17.01 18.46 -7.11
N TYR A 133 -18.23 18.67 -7.61
CA TYR A 133 -19.21 17.59 -7.59
C TYR A 133 -18.72 16.37 -8.39
N SER A 134 -18.22 16.58 -9.61
CA SER A 134 -17.76 15.44 -10.39
C SER A 134 -16.49 14.88 -9.80
N ASN A 135 -15.57 15.77 -9.42
CA ASN A 135 -14.29 15.36 -8.86
C ASN A 135 -14.45 14.33 -7.76
N ILE A 136 -15.46 14.50 -6.89
CA ILE A 136 -15.62 13.65 -5.72
C ILE A 136 -16.71 12.62 -5.94
N SER A 137 -17.92 13.07 -6.21
CA SER A 137 -19.02 12.11 -6.18
C SER A 137 -19.06 11.23 -7.42
N LYS A 138 -18.34 11.60 -8.49
CA LYS A 138 -18.21 10.71 -9.63
C LYS A 138 -16.83 10.04 -9.71
N ASP A 139 -16.06 10.04 -8.62
CA ASP A 139 -14.79 9.31 -8.60
C ASP A 139 -15.03 7.80 -8.61
N ARG A 140 -14.31 7.04 -9.46
CA ARG A 140 -14.34 5.57 -9.50
C ARG A 140 -14.29 4.90 -8.13
N ARG A 141 -13.41 5.39 -7.25
CA ARG A 141 -13.18 4.72 -5.98
C ARG A 141 -14.45 4.56 -5.17
N TYR A 142 -15.50 5.32 -5.47
CA TYR A 142 -16.78 5.23 -4.78
C TYR A 142 -17.82 4.44 -5.56
N ALA A 143 -17.43 3.81 -6.68
CA ALA A 143 -18.41 3.19 -7.57
C ALA A 143 -19.18 2.07 -6.89
N ASP A 144 -18.56 1.39 -5.92
CA ASP A 144 -19.23 0.28 -5.25
C ASP A 144 -20.26 0.73 -4.23
N LEU A 145 -20.22 1.98 -3.80
CA LEU A 145 -21.19 2.47 -2.81
C LEU A 145 -22.58 2.56 -3.41
N THR A 146 -23.58 2.16 -2.64
CA THR A 146 -24.97 2.32 -3.05
C THR A 146 -25.34 3.81 -3.08
N GLU A 147 -26.54 4.07 -3.58
CA GLU A 147 -27.01 5.45 -3.65
CA GLU A 147 -27.01 5.46 -3.64
C GLU A 147 -27.13 6.08 -2.26
N ASP A 148 -27.48 5.28 -1.27
CA ASP A 148 -27.69 5.78 0.08
C ASP A 148 -26.41 5.87 0.89
N GLN A 149 -25.33 5.24 0.43
CA GLN A 149 -24.07 5.28 1.18
C GLN A 149 -23.21 6.48 0.80
N LEU A 150 -23.23 6.89 -0.45
CA LEU A 150 -22.40 7.99 -0.95
C LEU A 150 -22.95 9.31 -0.43
N PRO A 151 -22.30 9.95 0.53
CA PRO A 151 -22.85 11.21 1.07
C PRO A 151 -22.80 12.31 0.02
N SER A 152 -23.72 13.27 0.15
CA SER A 152 -23.51 14.57 -0.45
C SER A 152 -23.02 15.58 0.58
N CYS A 153 -23.00 15.20 1.86
CA CYS A 153 -22.60 16.00 3.00
C CYS A 153 -22.75 15.11 4.23
N GLU A 154 -22.07 15.49 5.31
CA GLU A 154 -22.03 14.69 6.53
C GLU A 154 -21.88 15.59 7.74
N SER A 155 -22.75 15.40 8.73
CA SER A 155 -22.43 15.88 10.07
C SER A 155 -21.41 14.92 10.71
N LEU A 156 -20.84 15.36 11.83
CA LEU A 156 -19.97 14.49 12.59
C LEU A 156 -20.67 13.17 12.92
N LYS A 157 -21.94 13.25 13.34
CA LYS A 157 -22.73 12.05 13.58
C LYS A 157 -22.77 11.13 12.36
N ASP A 158 -22.99 11.68 11.15
CA ASP A 158 -22.95 10.86 9.94
C ASP A 158 -21.59 10.17 9.76
N THR A 159 -20.50 10.94 9.92
CA THR A 159 -19.18 10.37 9.72
C THR A 159 -18.96 9.20 10.67
N ILE A 160 -19.27 9.42 11.94
CA ILE A 160 -19.08 8.37 12.95
C ILE A 160 -19.96 7.16 12.63
N ALA A 161 -21.21 7.41 12.20
CA ALA A 161 -22.13 6.31 11.91
C ALA A 161 -21.66 5.48 10.73
N ARG A 162 -20.89 6.05 9.81
CA ARG A 162 -20.38 5.19 8.74
C ARG A 162 -18.98 4.65 9.03
N ALA A 163 -18.25 5.25 9.98
CA ALA A 163 -16.93 4.73 10.32
C ALA A 163 -17.01 3.54 11.27
N LEU A 164 -17.90 3.59 12.26
CA LEU A 164 -17.96 2.50 13.23
C LEU A 164 -18.35 1.14 12.65
N PRO A 165 -19.20 1.02 11.63
CA PRO A 165 -19.36 -0.30 11.00
C PRO A 165 -18.06 -0.91 10.52
N PHE A 166 -17.13 -0.11 9.98
CA PHE A 166 -15.83 -0.66 9.57
C PHE A 166 -15.01 -1.08 10.79
N TRP A 167 -15.06 -0.29 11.86
CA TRP A 167 -14.35 -0.68 13.08
C TRP A 167 -14.78 -2.05 13.53
N ASN A 168 -16.10 -2.24 13.66
CA ASN A 168 -16.66 -3.50 14.15
C ASN A 168 -16.48 -4.63 13.15
N GLU A 169 -16.48 -4.32 11.86
CA GLU A 169 -16.51 -5.36 10.87
C GLU A 169 -15.14 -5.89 10.50
N GLU A 170 -14.13 -5.02 10.49
CA GLU A 170 -12.82 -5.42 9.99
C GLU A 170 -11.70 -5.17 11.00
N ILE A 171 -11.84 -4.21 11.92
CA ILE A 171 -10.73 -3.94 12.80
C ILE A 171 -10.85 -4.74 14.10
N VAL A 172 -12.05 -4.76 14.70
CA VAL A 172 -12.27 -5.57 15.90
C VAL A 172 -11.86 -7.03 15.73
N PRO A 173 -12.22 -7.74 14.64
CA PRO A 173 -11.74 -9.13 14.51
C PRO A 173 -10.24 -9.26 14.50
N GLN A 174 -9.51 -8.29 13.93
CA GLN A 174 -8.06 -8.38 13.93
C GLN A 174 -7.51 -8.25 15.35
N ILE A 175 -8.05 -7.29 16.12
CA ILE A 175 -7.62 -7.12 17.50
C ILE A 175 -7.91 -8.39 18.31
N LYS A 176 -9.10 -8.98 18.12
CA LYS A 176 -9.45 -10.19 18.86
C LYS A 176 -8.47 -11.33 18.59
N GLU A 177 -7.89 -11.35 17.41
CA GLU A 177 -6.95 -12.39 17.04
C GLU A 177 -5.54 -12.10 17.53
N GLY A 178 -5.33 -10.97 18.21
CA GLY A 178 -4.00 -10.58 18.63
C GLY A 178 -3.21 -9.78 17.63
N LYS A 179 -3.76 -9.47 16.46
CA LYS A 179 -3.04 -8.70 15.46
C LYS A 179 -2.87 -7.26 15.94
N ARG A 180 -1.65 -6.73 15.84
CA ARG A 180 -1.36 -5.39 16.30
C ARG A 180 -1.69 -4.41 15.17
N VAL A 181 -2.65 -3.52 15.42
CA VAL A 181 -3.28 -2.69 14.41
C VAL A 181 -2.71 -1.29 14.45
N LEU A 182 -2.43 -0.75 13.27
CA LEU A 182 -2.12 0.66 13.11
C LEU A 182 -3.20 1.23 12.20
N ILE A 183 -3.84 2.32 12.63
CA ILE A 183 -4.84 3.02 11.84
C ILE A 183 -4.32 4.41 11.56
N ALA A 184 -4.14 4.72 10.27
CA ALA A 184 -3.74 6.05 9.82
C ALA A 184 -4.96 6.66 9.14
N ALA A 185 -5.52 7.71 9.73
CA ALA A 185 -6.70 8.32 9.11
C ALA A 185 -6.84 9.80 9.44
N HIS A 186 -8.07 10.25 9.67
CA HIS A 186 -8.39 11.66 9.74
C HIS A 186 -9.04 11.98 11.07
N GLY A 187 -8.97 13.26 11.43
CA GLY A 187 -9.48 13.71 12.72
C GLY A 187 -10.88 13.24 13.03
N ASN A 188 -11.79 13.32 12.05
CA ASN A 188 -13.20 13.06 12.37
C ASN A 188 -13.53 11.57 12.42
N SER A 189 -12.96 10.76 11.50
CA SER A 189 -13.20 9.32 11.60
C SER A 189 -12.52 8.74 12.84
N LEU A 190 -11.30 9.19 13.13
CA LEU A 190 -10.67 8.74 14.37
C LEU A 190 -11.46 9.22 15.58
N ARG A 191 -12.11 10.38 15.47
CA ARG A 191 -12.99 10.82 16.55
C ARG A 191 -14.07 9.79 16.80
N GLY A 192 -14.67 9.26 15.74
CA GLY A 192 -15.62 8.18 15.92
C GLY A 192 -15.04 7.01 16.70
N ILE A 193 -13.83 6.58 16.31
CA ILE A 193 -13.21 5.46 17.02
C ILE A 193 -13.01 5.79 18.50
N VAL A 194 -12.56 7.01 18.78
CA VAL A 194 -12.25 7.38 20.16
C VAL A 194 -13.52 7.43 20.99
N LYS A 195 -14.59 8.03 20.43
CA LYS A 195 -15.86 8.13 21.13
C LYS A 195 -16.42 6.76 21.46
N HIS A 196 -16.30 5.81 20.52
CA HIS A 196 -16.83 4.48 20.83
C HIS A 196 -15.96 3.77 21.88
N LEU A 197 -14.63 3.90 21.78
CA LEU A 197 -13.77 3.22 22.75
C LEU A 197 -14.01 3.74 24.16
N GLU A 198 -14.17 5.04 24.31
CA GLU A 198 -14.20 5.65 25.64
C GLU A 198 -15.61 6.01 26.09
N GLY A 199 -16.64 5.63 25.35
CA GLY A 199 -18.00 5.99 25.77
C GLY A 199 -18.23 7.47 25.96
N LEU A 200 -17.59 8.31 25.14
CA LEU A 200 -17.70 9.75 25.32
C LEU A 200 -19.06 10.26 24.87
N SER A 201 -19.45 11.40 25.44
CA SER A 201 -20.65 12.11 25.04
C SER A 201 -20.42 12.87 23.74
N GLU A 202 -21.53 13.30 23.14
CA GLU A 202 -21.47 14.18 21.98
C GLU A 202 -20.64 15.42 22.26
N GLU A 203 -21.01 16.18 23.30
CA GLU A 203 -20.30 17.42 23.59
C GLU A 203 -18.83 17.13 23.86
N ALA A 204 -18.55 16.00 24.51
CA ALA A 204 -17.17 15.65 24.83
C ALA A 204 -16.37 15.40 23.55
N ILE A 205 -16.89 14.57 22.64
CA ILE A 205 -16.14 14.27 21.42
C ILE A 205 -16.01 15.51 20.56
N MET A 206 -17.01 16.38 20.57
CA MET A 206 -16.87 17.61 19.81
C MET A 206 -15.90 18.57 20.46
N GLU A 207 -15.55 18.36 21.72
CA GLU A 207 -14.51 19.16 22.31
C GLU A 207 -13.13 18.55 22.15
N LEU A 208 -13.04 17.26 21.79
CA LEU A 208 -11.76 16.59 21.66
C LEU A 208 -11.12 16.87 20.30
N ASN A 209 -9.87 17.29 20.32
CA ASN A 209 -9.13 17.65 19.10
C ASN A 209 -7.83 16.87 19.08
N LEU A 210 -7.71 15.93 18.14
CA LEU A 210 -6.58 15.00 18.15
C LEU A 210 -5.36 15.65 17.52
N PRO A 211 -4.20 15.55 18.16
CA PRO A 211 -2.97 16.07 17.54
C PRO A 211 -2.64 15.34 16.25
N THR A 212 -1.90 16.02 15.39
CA THR A 212 -1.52 15.48 14.09
C THR A 212 -0.09 14.98 14.12
N GLY A 213 0.18 13.93 13.35
CA GLY A 213 1.54 13.44 13.21
C GLY A 213 2.08 12.72 14.43
N ILE A 214 1.23 12.39 15.39
CA ILE A 214 1.66 11.86 16.68
C ILE A 214 0.99 10.51 16.89
N PRO A 215 1.74 9.44 17.13
CA PRO A 215 1.10 8.16 17.43
C PRO A 215 0.30 8.26 18.73
N ILE A 216 -0.96 7.83 18.65
CA ILE A 216 -1.90 7.82 19.75
C ILE A 216 -2.09 6.37 20.18
N VAL A 217 -1.69 6.05 21.41
CA VAL A 217 -1.60 4.67 21.88
C VAL A 217 -2.76 4.38 22.81
N TYR A 218 -3.48 3.29 22.52
CA TYR A 218 -4.54 2.76 23.36
C TYR A 218 -4.14 1.41 23.91
N GLU A 219 -4.36 1.19 25.20
CA GLU A 219 -4.20 -0.11 25.83
C GLU A 219 -5.59 -0.64 26.15
N LEU A 220 -5.95 -1.76 25.53
CA LEU A 220 -7.28 -2.32 25.61
C LEU A 220 -7.26 -3.62 26.40
N ASP A 221 -8.37 -3.85 27.12
CA ASP A 221 -8.53 -5.08 27.87
C ASP A 221 -9.13 -6.15 26.94
N LYS A 222 -9.51 -7.28 27.53
CA LYS A 222 -10.04 -8.41 26.78
C LYS A 222 -11.38 -8.07 26.14
N ASN A 223 -12.11 -7.12 26.71
CA ASN A 223 -13.36 -6.61 26.15
C ASN A 223 -13.12 -5.45 25.20
N LEU A 224 -11.86 -5.17 24.84
CA LEU A 224 -11.52 -4.04 23.99
C LEU A 224 -11.95 -2.71 24.60
N LYS A 225 -12.08 -2.67 25.94
CA LYS A 225 -12.36 -1.39 26.60
C LYS A 225 -11.02 -0.77 27.01
N PRO A 226 -10.79 0.53 26.75
CA PRO A 226 -9.55 1.16 27.23
C PRO A 226 -9.36 1.01 28.73
N ILE A 227 -8.16 0.59 29.14
CA ILE A 227 -7.87 0.52 30.57
C ILE A 227 -7.37 1.83 31.15
N LYS A 228 -7.16 2.85 30.31
CA LYS A 228 -6.61 4.13 30.72
C LYS A 228 -6.72 5.10 29.54
N PRO A 229 -6.58 6.41 29.78
CA PRO A 229 -6.74 7.34 28.65
C PRO A 229 -5.62 7.17 27.64
N MET A 230 -5.93 7.61 26.41
CA MET A 230 -4.96 7.55 25.31
C MET A 230 -3.68 8.26 25.72
N GLN A 231 -2.58 7.82 25.13
CA GLN A 231 -1.28 8.39 25.40
C GLN A 231 -0.61 8.67 24.06
N PHE A 232 0.45 9.47 24.09
CA PHE A 232 1.08 9.94 22.87
C PHE A 232 2.54 9.51 22.84
N LEU A 233 3.09 9.43 21.64
CA LEU A 233 4.44 8.93 21.40
C LEU A 233 5.31 10.02 20.80
N GLY A 234 6.51 10.20 21.35
CA GLY A 234 7.40 11.27 20.94
C GLY A 234 8.15 11.81 22.14
N ASP A 235 8.60 13.07 22.09
CA ASP A 235 9.37 13.62 23.20
C ASP A 235 8.59 14.65 24.01
N ALA B 2 -9.35 -6.00 -26.35
CA ALA B 2 -9.25 -7.42 -26.00
C ALA B 2 -10.31 -7.77 -24.97
N ALA B 3 -10.23 -8.99 -24.43
CA ALA B 3 -10.99 -9.29 -23.23
C ALA B 3 -10.41 -8.60 -22.01
N TYR B 4 -9.09 -8.68 -21.81
CA TYR B 4 -8.50 -8.13 -20.59
C TYR B 4 -7.16 -7.48 -20.88
N LYS B 5 -6.82 -6.48 -20.05
CA LYS B 5 -5.50 -5.88 -20.02
C LYS B 5 -4.82 -6.21 -18.71
N LEU B 6 -3.58 -6.68 -18.80
CA LEU B 6 -2.74 -6.97 -17.64
C LEU B 6 -1.44 -6.19 -17.76
N VAL B 7 -1.02 -5.54 -16.67
CA VAL B 7 0.24 -4.81 -16.67
C VAL B 7 1.15 -5.39 -15.60
N LEU B 8 2.41 -5.62 -15.98
CA LEU B 8 3.48 -6.03 -15.08
C LEU B 8 4.56 -4.97 -15.07
N ILE B 9 5.30 -4.88 -13.98
CA ILE B 9 6.43 -3.98 -13.94
C ILE B 9 7.46 -4.55 -12.99
N ARG B 10 8.70 -4.60 -13.46
CA ARG B 10 9.82 -5.12 -12.70
C ARG B 10 10.60 -3.94 -12.13
N HIS B 11 10.89 -4.00 -10.83
CA HIS B 11 11.60 -2.91 -10.15
C HIS B 11 13.00 -2.72 -10.72
N GLY B 12 13.56 -1.54 -10.50
CA GLY B 12 14.89 -1.22 -10.96
C GLY B 12 15.99 -1.62 -9.99
N GLU B 13 17.16 -1.02 -10.20
CA GLU B 13 18.35 -1.27 -9.43
C GLU B 13 18.11 -1.24 -7.93
N SER B 14 18.74 -2.17 -7.22
CA SER B 14 18.66 -2.27 -5.78
C SER B 14 19.97 -1.79 -5.18
N ALA B 15 19.93 -1.52 -3.87
CA ALA B 15 21.13 -1.10 -3.14
C ALA B 15 22.26 -2.13 -3.24
N TRP B 16 21.93 -3.41 -3.34
CA TRP B 16 22.96 -4.43 -3.41
C TRP B 16 23.46 -4.68 -4.83
N ASN B 17 22.68 -4.31 -5.86
CA ASN B 17 23.24 -4.23 -7.20
C ASN B 17 24.45 -3.28 -7.22
N LEU B 18 24.45 -2.27 -6.34
CA LEU B 18 25.56 -1.32 -6.29
C LEU B 18 26.84 -1.96 -5.76
N GLU B 19 26.74 -2.96 -4.89
CA GLU B 19 27.89 -3.75 -4.44
C GLU B 19 28.04 -5.04 -5.21
N ASN B 20 27.26 -5.23 -6.29
CA ASN B 20 27.29 -6.45 -7.08
C ASN B 20 27.14 -7.71 -6.21
N ARG B 21 26.26 -7.63 -5.21
CA ARG B 21 25.94 -8.74 -4.34
C ARG B 21 24.59 -9.35 -4.72
N PHE B 22 24.48 -10.66 -4.55
CA PHE B 22 23.23 -11.37 -4.81
C PHE B 22 22.24 -11.01 -3.72
N SER B 23 21.04 -10.58 -4.12
CA SER B 23 20.04 -10.17 -3.15
C SER B 23 19.11 -11.32 -2.78
N GLY B 24 18.44 -11.89 -3.77
CA GLY B 24 17.42 -12.88 -3.48
C GLY B 24 16.37 -12.31 -2.56
N TRP B 25 16.15 -13.03 -1.46
CA TRP B 25 15.20 -12.61 -0.44
C TRP B 25 15.73 -11.54 0.50
N TYR B 26 17.00 -11.15 0.40
CA TYR B 26 17.43 -10.03 1.20
C TYR B 26 16.64 -8.81 0.74
N ASP B 27 16.20 -8.01 1.71
CA ASP B 27 15.22 -6.93 1.50
C ASP B 27 15.92 -5.63 1.17
N ALA B 28 16.79 -5.67 0.16
CA ALA B 28 17.46 -4.47 -0.29
C ALA B 28 16.47 -3.44 -0.82
N ASP B 29 16.72 -2.17 -0.52
CA ASP B 29 15.90 -1.07 -1.01
C ASP B 29 16.31 -0.71 -2.43
N LEU B 30 15.45 0.05 -3.12
CA LEU B 30 15.82 0.58 -4.43
C LEU B 30 16.99 1.55 -4.28
N SER B 31 17.91 1.50 -5.24
CA SER B 31 18.88 2.57 -5.39
C SER B 31 18.17 3.82 -5.89
N PRO B 32 18.83 4.98 -5.86
CA PRO B 32 18.15 6.18 -6.39
C PRO B 32 17.78 6.05 -7.86
N ALA B 33 18.63 5.42 -8.65
CA ALA B 33 18.28 5.18 -10.05
C ALA B 33 17.07 4.25 -10.18
N GLY B 34 16.97 3.22 -9.32
CA GLY B 34 15.80 2.34 -9.37
C GLY B 34 14.51 3.07 -9.03
N HIS B 35 14.57 3.94 -8.01
CA HIS B 35 13.45 4.84 -7.69
C HIS B 35 13.10 5.73 -8.88
N GLU B 36 14.11 6.31 -9.52
CA GLU B 36 13.88 7.16 -10.69
C GLU B 36 13.20 6.38 -11.80
N GLU B 37 13.64 5.12 -12.02
CA GLU B 37 13.03 4.29 -13.06
C GLU B 37 11.55 4.06 -12.78
N ALA B 38 11.23 3.74 -11.51
CA ALA B 38 9.82 3.57 -11.18
C ALA B 38 9.03 4.86 -11.42
N LYS B 39 9.63 6.02 -11.12
CA LYS B 39 8.96 7.30 -11.47
C LYS B 39 8.68 7.39 -12.97
N ARG B 40 9.68 7.06 -13.80
CA ARG B 40 9.48 7.15 -15.26
C ARG B 40 8.39 6.19 -15.74
N GLY B 41 8.37 4.97 -15.22
CA GLY B 41 7.33 4.03 -15.60
C GLY B 41 5.94 4.50 -15.19
N GLY B 42 5.82 5.00 -13.96
CA GLY B 42 4.54 5.55 -13.54
C GLY B 42 4.10 6.71 -14.41
N GLN B 43 5.06 7.56 -14.82
CA GLN B 43 4.74 8.64 -15.75
C GLN B 43 4.25 8.09 -17.09
N ALA B 44 4.89 7.03 -17.59
CA ALA B 44 4.45 6.44 -18.86
C ALA B 44 3.06 5.85 -18.73
N LEU B 45 2.69 5.40 -17.53
CA LEU B 45 1.32 4.95 -17.31
C LEU B 45 0.36 6.14 -17.23
N ARG B 46 0.73 7.21 -16.53
CA ARG B 46 -0.05 8.45 -16.54
C ARG B 46 -0.35 8.90 -17.96
N ASP B 47 0.70 9.05 -18.78
CA ASP B 47 0.57 9.66 -20.10
C ASP B 47 -0.32 8.83 -21.02
N ALA B 48 -0.26 7.51 -20.90
CA ALA B 48 -1.16 6.63 -21.62
C ALA B 48 -2.53 6.52 -20.99
N GLY B 49 -2.74 7.13 -19.82
CA GLY B 49 -4.02 7.06 -19.11
C GLY B 49 -4.43 5.69 -18.61
N TYR B 50 -3.49 4.90 -18.05
CA TYR B 50 -3.83 3.56 -17.61
C TYR B 50 -4.57 3.58 -16.28
N GLU B 51 -5.47 2.60 -16.12
CA GLU B 51 -6.30 2.48 -14.92
C GLU B 51 -6.20 1.06 -14.37
N PHE B 52 -6.21 0.94 -13.05
CA PHE B 52 -6.14 -0.36 -12.38
C PHE B 52 -7.22 -0.44 -11.32
N ASP B 53 -7.57 -1.68 -10.94
CA ASP B 53 -8.52 -1.91 -9.88
C ASP B 53 -7.96 -2.69 -8.70
N ILE B 54 -6.81 -3.34 -8.85
CA ILE B 54 -6.20 -4.07 -7.75
C ILE B 54 -4.74 -4.29 -8.12
N CYS B 55 -3.86 -4.19 -7.12
CA CYS B 55 -2.42 -4.28 -7.32
C CYS B 55 -1.89 -5.46 -6.52
N PHE B 56 -1.02 -6.27 -7.15
CA PHE B 56 -0.32 -7.31 -6.43
C PHE B 56 1.16 -7.02 -6.45
N THR B 57 1.83 -7.40 -5.35
CA THR B 57 3.26 -7.19 -5.24
C THR B 57 3.80 -8.20 -4.23
N SER B 58 5.11 -8.19 -4.06
CA SER B 58 5.76 -9.13 -3.15
C SER B 58 5.78 -8.54 -1.75
N VAL B 59 6.51 -9.17 -0.83
CA VAL B 59 6.75 -8.61 0.48
C VAL B 59 8.13 -7.96 0.56
N GLN B 60 8.74 -7.63 -0.58
CA GLN B 60 10.06 -7.00 -0.61
C GLN B 60 9.95 -5.54 -1.00
N LYS B 61 10.67 -4.69 -0.26
CA LYS B 61 10.45 -3.25 -0.39
C LYS B 61 10.91 -2.71 -1.71
N ARG B 62 11.79 -3.39 -2.44
CA ARG B 62 12.10 -2.84 -3.76
C ARG B 62 10.87 -2.93 -4.68
N ALA B 63 10.12 -4.02 -4.59
CA ALA B 63 8.90 -4.14 -5.38
C ALA B 63 7.82 -3.22 -4.85
N ILE B 64 7.60 -3.26 -3.53
CA ILE B 64 6.55 -2.44 -2.91
C ILE B 64 6.78 -0.96 -3.23
N ARG B 65 8.03 -0.48 -3.06
CA ARG B 65 8.29 0.93 -3.28
C ARG B 65 8.10 1.29 -4.75
N THR B 66 8.49 0.39 -5.66
CA THR B 66 8.18 0.62 -7.08
C THR B 66 6.68 0.81 -7.28
N LEU B 67 5.88 -0.06 -6.67
CA LEU B 67 4.43 0.04 -6.80
C LEU B 67 3.91 1.36 -6.21
N TRP B 68 4.39 1.73 -5.02
CA TRP B 68 3.98 2.99 -4.41
C TRP B 68 4.26 4.17 -5.32
N THR B 69 5.44 4.19 -5.93
CA THR B 69 5.84 5.28 -6.80
C THR B 69 4.94 5.33 -8.04
N VAL B 70 4.62 4.17 -8.58
CA VAL B 70 3.72 4.12 -9.73
C VAL B 70 2.34 4.63 -9.35
N LEU B 71 1.79 4.12 -8.24
CA LEU B 71 0.46 4.54 -7.82
C LEU B 71 0.42 6.04 -7.60
N ASP B 72 1.49 6.58 -7.00
CA ASP B 72 1.61 8.01 -6.83
C ASP B 72 1.51 8.75 -8.16
N ALA B 73 2.29 8.29 -9.16
CA ALA B 73 2.38 9.01 -10.43
C ALA B 73 1.04 9.04 -11.17
N ILE B 74 0.28 7.96 -11.09
CA ILE B 74 -0.99 7.83 -11.80
C ILE B 74 -2.18 8.17 -10.91
N ASP B 75 -1.93 8.77 -9.74
CA ASP B 75 -2.99 9.27 -8.87
C ASP B 75 -3.99 8.17 -8.51
N GLN B 76 -3.46 7.00 -8.15
CA GLN B 76 -4.29 5.86 -7.78
C GLN B 76 -3.78 5.21 -6.49
N MET B 77 -3.30 6.04 -5.57
CA MET B 77 -2.83 5.55 -4.27
C MET B 77 -3.95 4.87 -3.48
N TRP B 78 -5.20 5.08 -3.87
CA TRP B 78 -6.34 4.50 -3.15
C TRP B 78 -6.63 3.04 -3.53
N LEU B 79 -5.92 2.48 -4.50
CA LEU B 79 -6.23 1.12 -4.95
C LEU B 79 -5.89 0.09 -3.86
N PRO B 80 -6.69 -0.98 -3.75
CA PRO B 80 -6.31 -2.11 -2.89
C PRO B 80 -4.97 -2.69 -3.34
N VAL B 81 -4.12 -2.96 -2.35
CA VAL B 81 -2.80 -3.57 -2.57
C VAL B 81 -2.74 -4.88 -1.81
N VAL B 82 -2.33 -5.94 -2.51
CA VAL B 82 -2.13 -7.26 -1.92
C VAL B 82 -0.66 -7.63 -2.06
N ARG B 83 -0.01 -7.96 -0.94
CA ARG B 83 1.37 -8.39 -0.91
C ARG B 83 1.42 -9.89 -0.62
N THR B 84 2.35 -10.59 -1.29
CA THR B 84 2.54 -12.02 -1.02
C THR B 84 4.00 -12.40 -1.25
N TRP B 85 4.52 -13.26 -0.36
CA TRP B 85 5.86 -13.81 -0.54
C TRP B 85 5.98 -14.59 -1.83
N ARG B 86 4.86 -15.04 -2.40
CA ARG B 86 4.94 -15.85 -3.60
C ARG B 86 5.33 -15.04 -4.84
N LEU B 87 5.29 -13.69 -4.77
CA LEU B 87 5.86 -12.86 -5.83
C LEU B 87 7.29 -12.43 -5.52
N ASN B 88 7.87 -12.90 -4.41
CA ASN B 88 9.23 -12.53 -4.04
C ASN B 88 10.22 -12.95 -5.12
N GLU B 89 11.38 -12.29 -5.11
CA GLU B 89 12.51 -12.66 -5.93
C GLU B 89 12.91 -14.11 -5.66
N ARG B 90 13.65 -14.66 -6.61
CA ARG B 90 14.19 -16.01 -6.45
C ARG B 90 15.13 -16.02 -5.25
N HIS B 91 15.00 -17.04 -4.39
CA HIS B 91 15.83 -17.11 -3.18
C HIS B 91 17.27 -17.53 -3.51
N TYB B 92 18.49 -16.81 -3.66
CA TYB B 92 19.79 -17.30 -4.13
C TYB B 92 20.49 -18.05 -3.02
O TYB B 92 21.73 -18.21 -3.12
CB TYB B 92 20.70 -16.16 -4.60
CG TYB B 92 20.24 -15.64 -5.96
CD1 TYB B 92 20.81 -16.09 -7.14
CD2 TYB B 92 19.21 -14.72 -6.00
CE1 TYB B 92 20.35 -15.60 -8.37
CE2 TYB B 92 18.75 -14.23 -7.22
CZ TYB B 92 19.32 -14.66 -8.40
OH TYB B 92 18.83 -14.15 -9.62
N GLY B 93 19.82 -18.64 -1.91
CA GLY B 93 20.44 -19.56 -0.97
C GLY B 93 21.73 -19.01 -0.40
N GLY B 94 22.75 -19.86 -0.33
CA GLY B 94 24.00 -19.45 0.28
C GLY B 94 24.75 -18.39 -0.50
N LEU B 95 24.38 -18.15 -1.74
CA LEU B 95 25.02 -17.09 -2.51
C LEU B 95 24.52 -15.71 -2.10
N THR B 96 23.48 -15.65 -1.27
CA THR B 96 22.99 -14.37 -0.78
C THR B 96 24.10 -13.62 -0.07
N GLY B 97 24.37 -12.40 -0.50
CA GLY B 97 25.37 -11.55 0.10
C GLY B 97 26.72 -11.57 -0.58
N LEU B 98 27.03 -12.62 -1.32
CA LEU B 98 28.30 -12.69 -2.03
C LEU B 98 28.23 -11.89 -3.32
N ASN B 99 29.40 -11.43 -3.77
CA ASN B 99 29.48 -10.91 -5.13
C ASN B 99 29.89 -12.03 -6.08
N LYS B 100 30.03 -11.67 -7.36
CA LYS B 100 30.38 -12.62 -8.41
C LYS B 100 31.72 -13.30 -8.15
N ALA B 101 32.72 -12.51 -7.77
CA ALA B 101 34.07 -13.05 -7.62
C ALA B 101 34.16 -14.01 -6.43
N GLU B 102 33.52 -13.66 -5.32
CA GLU B 102 33.51 -14.57 -4.17
C GLU B 102 32.75 -15.85 -4.49
N THR B 103 31.69 -15.74 -5.28
CA THR B 103 30.94 -16.93 -5.69
C THR B 103 31.79 -17.86 -6.55
N ALA B 104 32.55 -17.29 -7.49
CA ALA B 104 33.43 -18.12 -8.31
C ALA B 104 34.55 -18.74 -7.48
N ALA B 105 35.19 -17.95 -6.61
CA ALA B 105 36.26 -18.46 -5.76
C ALA B 105 35.77 -19.59 -4.86
N LYS B 106 34.58 -19.45 -4.29
CA LYS B 106 34.11 -20.42 -3.34
C LYS B 106 33.56 -21.67 -4.03
N HIS B 107 32.97 -21.50 -5.20
CA HIS B 107 32.23 -22.58 -5.83
C HIS B 107 32.79 -23.06 -7.15
N GLY B 108 33.62 -22.28 -7.80
CA GLY B 108 34.27 -22.81 -8.99
C GLY B 108 33.56 -22.43 -10.27
N GLU B 109 34.34 -22.36 -11.35
CA GLU B 109 33.78 -21.95 -12.64
C GLU B 109 32.81 -22.98 -13.17
N ALA B 110 33.12 -24.27 -13.03
CA ALA B 110 32.22 -25.31 -13.50
C ALA B 110 30.85 -25.16 -12.87
N GLN B 111 30.81 -24.82 -11.57
CA GLN B 111 29.53 -24.75 -10.87
C GLN B 111 28.74 -23.50 -11.24
N VAL B 112 29.40 -22.36 -11.41
CA VAL B 112 28.63 -21.18 -11.80
C VAL B 112 28.15 -21.35 -13.24
N LYS B 113 28.97 -21.95 -14.10
CA LYS B 113 28.52 -22.22 -15.47
C LYS B 113 27.27 -23.08 -15.45
N ILE B 114 27.24 -24.11 -14.59
CA ILE B 114 26.00 -24.89 -14.49
C ILE B 114 24.86 -23.99 -14.02
N TRP B 115 25.11 -23.17 -13.00
CA TRP B 115 24.04 -22.37 -12.41
C TRP B 115 23.46 -21.32 -13.37
N ARG B 116 24.23 -20.87 -14.36
CA ARG B 116 23.70 -19.83 -15.25
C ARG B 116 22.84 -20.41 -16.37
N ARG B 117 23.12 -21.64 -16.79
CA ARG B 117 22.46 -22.24 -17.93
C ARG B 117 21.38 -23.27 -17.55
N SER B 118 20.98 -23.34 -16.28
CA SER B 118 20.16 -24.46 -15.82
C SER B 118 18.87 -24.00 -15.16
N TYR B 119 17.75 -24.48 -15.70
CA TYR B 119 16.41 -24.16 -15.21
C TYR B 119 16.14 -24.69 -13.81
N ASP B 120 16.80 -25.78 -13.39
CA ASP B 120 16.34 -26.50 -12.20
C ASP B 120 17.46 -27.05 -11.34
N VAL B 121 18.61 -26.39 -11.29
CA VAL B 121 19.64 -26.73 -10.32
C VAL B 121 19.68 -25.62 -9.27
N PRO B 122 19.46 -25.92 -7.99
CA PRO B 122 19.44 -24.88 -6.97
C PRO B 122 20.84 -24.40 -6.61
N PRO B 123 20.96 -23.20 -6.08
CA PRO B 123 22.19 -22.81 -5.40
C PRO B 123 22.31 -23.55 -4.08
N PRO B 124 23.45 -23.46 -3.40
CA PRO B 124 23.56 -24.09 -2.08
C PRO B 124 22.53 -23.52 -1.13
N PRO B 125 22.03 -24.34 -0.22
CA PRO B 125 21.08 -23.83 0.76
C PRO B 125 21.72 -22.78 1.65
N MET B 126 20.87 -21.94 2.23
CA MET B 126 21.29 -20.95 3.22
C MET B 126 21.18 -21.61 4.59
N GLU B 127 22.33 -21.94 5.18
CA GLU B 127 22.41 -22.60 6.48
C GLU B 127 22.45 -21.57 7.62
N PRO B 128 22.11 -21.99 8.85
CA PRO B 128 22.12 -21.03 9.98
C PRO B 128 23.44 -20.28 10.21
N ASP B 129 24.58 -20.82 9.78
CA ASP B 129 25.82 -20.06 9.94
C ASP B 129 25.94 -18.94 8.91
N HIS B 130 25.14 -19.00 7.85
CA HIS B 130 25.21 -17.98 6.81
C HIS B 130 24.94 -16.59 7.41
N PRO B 131 25.65 -15.56 6.97
CA PRO B 131 25.49 -14.23 7.60
C PRO B 131 24.10 -13.61 7.47
N PHE B 132 23.28 -14.05 6.52
CA PHE B 132 21.96 -13.44 6.35
C PHE B 132 20.86 -14.44 6.67
N TYR B 133 21.20 -15.55 7.29
CA TYR B 133 20.21 -16.55 7.64
C TYR B 133 19.18 -15.98 8.61
N SER B 134 19.60 -15.40 9.73
CA SER B 134 18.60 -14.91 10.68
C SER B 134 17.89 -13.66 10.15
N ASN B 135 18.59 -12.82 9.39
CA ASN B 135 17.95 -11.67 8.76
C ASN B 135 16.81 -12.08 7.81
N ILE B 136 16.98 -13.18 7.09
CA ILE B 136 15.98 -13.57 6.09
C ILE B 136 15.05 -14.63 6.67
N SER B 137 15.60 -15.82 6.94
CA SER B 137 14.81 -16.96 7.41
C SER B 137 14.16 -16.74 8.76
N LYS B 138 14.66 -15.81 9.58
CA LYS B 138 14.03 -15.55 10.88
C LYS B 138 13.28 -14.23 10.90
N ASP B 139 13.01 -13.67 9.73
CA ASP B 139 12.16 -12.49 9.64
C ASP B 139 10.72 -12.88 10.01
N ARG B 140 10.10 -12.11 10.91
CA ARG B 140 8.73 -12.43 11.32
C ARG B 140 7.75 -12.41 10.15
N ARG B 141 8.11 -11.82 9.00
CA ARG B 141 7.17 -11.80 7.89
C ARG B 141 6.99 -13.17 7.25
N TYR B 142 7.89 -14.13 7.48
CA TYR B 142 7.72 -15.48 6.97
C TYR B 142 7.27 -16.46 8.04
N ALA B 143 6.85 -15.97 9.20
CA ALA B 143 6.54 -16.85 10.32
C ALA B 143 5.28 -17.67 10.11
N ASP B 144 4.46 -17.33 9.14
CA ASP B 144 3.24 -18.08 8.86
C ASP B 144 3.44 -19.09 7.73
N LEU B 145 4.62 -19.18 7.15
CA LEU B 145 4.88 -20.22 6.16
C LEU B 145 5.12 -21.55 6.85
N THR B 146 4.53 -22.62 6.31
CA THR B 146 4.89 -23.96 6.76
C THR B 146 6.40 -24.18 6.63
N GLU B 147 6.86 -25.30 7.19
CA GLU B 147 8.28 -25.62 7.08
C GLU B 147 8.70 -25.87 5.63
N ASP B 148 7.86 -26.55 4.86
CA ASP B 148 8.20 -26.87 3.48
C ASP B 148 8.09 -25.68 2.56
N GLN B 149 7.39 -24.62 2.96
CA GLN B 149 7.24 -23.46 2.10
C GLN B 149 8.41 -22.49 2.22
N LEU B 150 8.96 -22.32 3.40
CA LEU B 150 10.11 -21.44 3.55
C LEU B 150 11.30 -22.04 2.83
N PRO B 151 11.83 -21.42 1.78
CA PRO B 151 12.97 -22.01 1.08
C PRO B 151 14.29 -21.61 1.72
N SER B 152 15.23 -22.53 1.66
CA SER B 152 16.62 -22.20 1.92
C SER B 152 17.38 -21.90 0.64
N CYS B 153 16.78 -22.15 -0.52
CA CYS B 153 17.37 -21.90 -1.83
C CYS B 153 16.34 -22.25 -2.89
N GLU B 154 16.53 -21.73 -4.09
CA GLU B 154 15.57 -21.93 -5.18
C GLU B 154 16.28 -21.97 -6.52
N SER B 155 16.08 -23.04 -7.27
CA SER B 155 16.23 -22.92 -8.71
C SER B 155 15.15 -21.99 -9.30
N LEU B 156 15.30 -21.61 -10.56
CA LEU B 156 14.24 -20.85 -11.21
C LEU B 156 12.94 -21.65 -11.23
N LYS B 157 13.04 -22.97 -11.45
CA LYS B 157 11.85 -23.81 -11.42
C LYS B 157 11.16 -23.75 -10.07
N ASP B 158 11.94 -23.69 -8.99
CA ASP B 158 11.35 -23.53 -7.66
C ASP B 158 10.57 -22.22 -7.55
N THR B 159 11.19 -21.12 -7.98
CA THR B 159 10.53 -19.82 -7.88
C THR B 159 9.21 -19.86 -8.64
N ILE B 160 9.27 -20.31 -9.89
CA ILE B 160 8.06 -20.37 -10.70
C ILE B 160 7.02 -21.29 -10.05
N ALA B 161 7.48 -22.40 -9.46
CA ALA B 161 6.55 -23.36 -8.87
C ALA B 161 5.78 -22.74 -7.71
N ARG B 162 6.43 -21.91 -6.89
CA ARG B 162 5.65 -21.31 -5.80
C ARG B 162 5.00 -19.98 -6.21
N ALA B 163 5.37 -19.41 -7.34
CA ALA B 163 4.65 -18.22 -7.79
C ALA B 163 3.33 -18.56 -8.48
N LEU B 164 3.34 -19.58 -9.35
CA LEU B 164 2.13 -19.90 -10.13
C LEU B 164 0.87 -20.18 -9.31
N PRO B 165 0.93 -20.86 -8.14
CA PRO B 165 -0.31 -21.04 -7.38
C PRO B 165 -0.95 -19.74 -6.95
N PHE B 166 -0.15 -18.72 -6.66
CA PHE B 166 -0.75 -17.43 -6.32
C PHE B 166 -1.39 -16.82 -7.57
N TRP B 167 -0.69 -16.88 -8.70
CA TRP B 167 -1.28 -16.39 -9.93
C TRP B 167 -2.62 -17.07 -10.21
N ASN B 168 -2.69 -18.38 -10.02
CA ASN B 168 -3.89 -19.13 -10.38
C ASN B 168 -5.03 -18.85 -9.42
N GLU B 169 -4.75 -18.84 -8.11
CA GLU B 169 -5.82 -18.74 -7.14
C GLU B 169 -6.24 -17.30 -6.80
N GLU B 170 -5.32 -16.33 -6.86
CA GLU B 170 -5.63 -14.97 -6.41
C GLU B 170 -5.68 -13.94 -7.51
N ILE B 171 -4.87 -14.08 -8.55
CA ILE B 171 -4.82 -13.08 -9.62
C ILE B 171 -5.82 -13.42 -10.71
N VAL B 172 -5.80 -14.68 -11.19
CA VAL B 172 -6.66 -15.06 -12.31
C VAL B 172 -8.13 -14.84 -12.00
N PRO B 173 -8.65 -15.18 -10.82
CA PRO B 173 -10.04 -14.81 -10.52
C PRO B 173 -10.31 -13.32 -10.68
N GLN B 174 -9.36 -12.45 -10.32
CA GLN B 174 -9.58 -11.01 -10.47
C GLN B 174 -9.65 -10.62 -11.93
N ILE B 175 -8.72 -11.11 -12.76
CA ILE B 175 -8.75 -10.85 -14.19
C ILE B 175 -10.07 -11.30 -14.81
N LYS B 176 -10.52 -12.50 -14.45
CA LYS B 176 -11.74 -13.00 -15.06
C LYS B 176 -12.97 -12.22 -14.60
N GLU B 177 -12.90 -11.56 -13.45
CA GLU B 177 -13.94 -10.63 -12.98
C GLU B 177 -13.91 -9.29 -13.70
N GLY B 178 -13.05 -9.15 -14.70
CA GLY B 178 -12.88 -7.88 -15.38
C GLY B 178 -12.04 -6.85 -14.65
N LYS B 179 -11.54 -7.15 -13.47
CA LYS B 179 -10.71 -6.18 -12.75
C LYS B 179 -9.37 -6.00 -13.46
N ARG B 180 -8.90 -4.77 -13.54
CA ARG B 180 -7.66 -4.46 -14.26
C ARG B 180 -6.47 -4.52 -13.30
N VAL B 181 -5.55 -5.45 -13.55
CA VAL B 181 -4.56 -5.84 -12.57
C VAL B 181 -3.22 -5.19 -12.92
N LEU B 182 -2.53 -4.70 -11.89
CA LEU B 182 -1.13 -4.29 -11.97
C LEU B 182 -0.34 -5.23 -11.07
N ILE B 183 0.78 -5.74 -11.58
CA ILE B 183 1.66 -6.61 -10.82
C ILE B 183 3.03 -5.95 -10.81
N ALA B 184 3.48 -5.55 -9.62
CA ALA B 184 4.80 -4.98 -9.43
C ALA B 184 5.60 -6.03 -8.67
N ALA B 185 6.56 -6.65 -9.32
CA ALA B 185 7.27 -7.76 -8.68
C ALA B 185 8.71 -7.84 -9.17
N HIS B 186 9.24 -9.06 -9.29
CA HIS B 186 10.65 -9.29 -9.55
C HIS B 186 10.84 -10.08 -10.84
N GLY B 187 12.06 -9.98 -11.38
CA GLY B 187 12.35 -10.62 -12.65
C GLY B 187 12.01 -12.09 -12.68
N ASN B 188 12.41 -12.83 -11.64
CA ASN B 188 12.20 -14.28 -11.67
C ASN B 188 10.75 -14.66 -11.37
N SER B 189 10.07 -13.92 -10.49
CA SER B 189 8.65 -14.20 -10.27
C SER B 189 7.80 -13.78 -11.49
N LEU B 190 8.10 -12.59 -12.06
CA LEU B 190 7.41 -12.20 -13.29
C LEU B 190 7.70 -13.18 -14.42
N ARG B 191 8.93 -13.71 -14.47
CA ARG B 191 9.26 -14.75 -15.44
C ARG B 191 8.31 -15.91 -15.32
N GLY B 192 8.01 -16.33 -14.09
CA GLY B 192 7.00 -17.36 -13.93
C GLY B 192 5.69 -17.00 -14.61
N ILE B 193 5.19 -15.79 -14.32
CA ILE B 193 3.91 -15.39 -14.91
C ILE B 193 3.98 -15.40 -16.44
N VAL B 194 5.07 -14.87 -17.00
CA VAL B 194 5.20 -14.77 -18.46
C VAL B 194 5.29 -16.17 -19.07
N LYS B 195 6.08 -17.07 -18.47
CA LYS B 195 6.20 -18.42 -19.01
C LYS B 195 4.86 -19.12 -19.03
N HIS B 196 4.08 -18.99 -17.95
CA HIS B 196 2.74 -19.58 -17.95
C HIS B 196 1.81 -18.89 -18.96
N LEU B 197 1.91 -17.58 -19.12
CA LEU B 197 0.99 -16.89 -20.03
C LEU B 197 1.27 -17.27 -21.47
N GLU B 198 2.53 -17.30 -21.84
CA GLU B 198 2.93 -17.52 -23.22
C GLU B 198 3.25 -18.98 -23.53
N GLY B 199 3.19 -19.86 -22.53
CA GLY B 199 3.62 -21.23 -22.75
C GLY B 199 5.06 -21.34 -23.25
N LEU B 200 5.97 -20.56 -22.67
CA LEU B 200 7.36 -20.55 -23.10
C LEU B 200 8.09 -21.77 -22.55
N SER B 201 9.14 -22.17 -23.26
CA SER B 201 9.92 -23.30 -22.78
C SER B 201 10.89 -22.85 -21.69
N GLU B 202 11.43 -23.83 -20.96
CA GLU B 202 12.46 -23.51 -19.97
C GLU B 202 13.59 -22.73 -20.62
N GLU B 203 14.00 -23.16 -21.81
CA GLU B 203 15.06 -22.49 -22.54
C GLU B 203 14.68 -21.06 -22.86
N ALA B 204 13.48 -20.84 -23.38
CA ALA B 204 13.12 -19.49 -23.81
C ALA B 204 13.00 -18.55 -22.61
N ILE B 205 12.50 -19.05 -21.48
CA ILE B 205 12.29 -18.17 -20.35
C ILE B 205 13.62 -17.82 -19.69
N MET B 206 14.61 -18.72 -19.77
CA MET B 206 15.90 -18.37 -19.18
C MET B 206 16.68 -17.38 -20.03
N GLU B 207 16.33 -17.22 -21.30
CA GLU B 207 16.93 -16.19 -22.16
C GLU B 207 16.14 -14.89 -22.15
N LEU B 208 14.98 -14.85 -21.50
CA LEU B 208 14.15 -13.67 -21.48
C LEU B 208 14.49 -12.84 -20.25
N ASN B 209 14.97 -11.61 -20.49
CA ASN B 209 15.22 -10.63 -19.42
C ASN B 209 14.23 -9.49 -19.57
N LEU B 210 13.38 -9.33 -18.59
CA LEU B 210 12.41 -8.25 -18.74
C LEU B 210 13.06 -6.91 -18.43
N PRO B 211 12.75 -5.87 -19.19
CA PRO B 211 13.28 -4.53 -18.85
C PRO B 211 12.78 -4.08 -17.49
N THR B 212 13.63 -3.36 -16.74
CA THR B 212 13.24 -2.83 -15.45
C THR B 212 12.58 -1.47 -15.59
N GLY B 213 11.60 -1.19 -14.74
CA GLY B 213 10.98 0.12 -14.78
C GLY B 213 10.05 0.38 -15.95
N ILE B 214 9.79 -0.60 -16.79
CA ILE B 214 9.00 -0.44 -18.01
C ILE B 214 7.64 -1.09 -17.78
N PRO B 215 6.52 -0.38 -17.98
CA PRO B 215 5.23 -1.06 -17.95
C PRO B 215 5.15 -2.07 -19.08
N ILE B 216 4.82 -3.31 -18.72
CA ILE B 216 4.70 -4.42 -19.65
C ILE B 216 3.22 -4.72 -19.80
N VAL B 217 2.69 -4.49 -21.00
CA VAL B 217 1.25 -4.59 -21.25
C VAL B 217 0.95 -5.88 -21.98
N TYR B 218 -0.05 -6.60 -21.48
CA TYR B 218 -0.61 -7.80 -22.09
C TYR B 218 -2.08 -7.56 -22.44
N GLU B 219 -2.47 -8.00 -23.62
CA GLU B 219 -3.87 -8.11 -23.99
C GLU B 219 -4.21 -9.59 -24.07
N LEU B 220 -5.18 -10.01 -23.28
CA LEU B 220 -5.50 -11.42 -23.12
C LEU B 220 -6.93 -11.65 -23.59
N ASP B 221 -7.16 -12.82 -24.19
CA ASP B 221 -8.50 -13.18 -24.65
C ASP B 221 -9.29 -13.77 -23.51
N LYS B 222 -10.50 -14.28 -23.83
CA LYS B 222 -11.42 -14.81 -22.84
C LYS B 222 -10.78 -15.93 -22.04
N ASN B 223 -9.82 -16.65 -22.64
CA ASN B 223 -9.09 -17.71 -21.96
C ASN B 223 -7.77 -17.24 -21.38
N LEU B 224 -7.58 -15.93 -21.23
CA LEU B 224 -6.35 -15.36 -20.70
C LEU B 224 -5.15 -15.78 -21.52
N LYS B 225 -5.38 -16.14 -22.78
CA LYS B 225 -4.29 -16.32 -23.72
C LYS B 225 -3.91 -14.95 -24.30
N PRO B 226 -2.61 -14.65 -24.40
CA PRO B 226 -2.18 -13.38 -25.01
C PRO B 226 -2.51 -13.35 -26.49
N ILE B 227 -3.11 -12.25 -26.94
CA ILE B 227 -3.43 -12.10 -28.36
C ILE B 227 -2.32 -11.47 -29.18
N LYS B 228 -1.35 -10.82 -28.56
CA LYS B 228 -0.20 -10.29 -29.27
C LYS B 228 1.02 -10.38 -28.37
N PRO B 229 2.22 -10.15 -28.90
CA PRO B 229 3.40 -10.08 -28.02
C PRO B 229 3.26 -8.98 -26.98
N MET B 230 3.94 -9.18 -25.85
CA MET B 230 4.05 -8.17 -24.81
C MET B 230 4.55 -6.84 -25.37
N GLN B 231 3.99 -5.75 -24.82
CA GLN B 231 4.33 -4.39 -25.25
C GLN B 231 4.91 -3.60 -24.07
N PHE B 232 5.87 -2.74 -24.40
CA PHE B 232 6.51 -1.86 -23.44
C PHE B 232 6.01 -0.45 -23.66
N LEU B 233 5.70 0.25 -22.57
CA LEU B 233 5.17 1.62 -22.63
C LEU B 233 6.29 2.61 -22.38
N GLY B 234 6.39 3.62 -23.22
CA GLY B 234 7.31 4.72 -22.96
C GLY B 234 7.83 5.33 -24.24
N ASP B 235 8.70 6.32 -24.05
CA ASP B 235 9.45 6.88 -25.16
C ASP B 235 10.20 5.79 -25.89
N GLU B 236 10.23 5.89 -27.22
CA GLU B 236 11.02 4.95 -28.01
C GLU B 236 12.44 4.83 -27.46
N GLU B 237 13.00 5.96 -27.00
CA GLU B 237 14.34 5.96 -26.45
C GLU B 237 14.53 4.80 -25.46
N THR B 238 13.55 4.59 -24.60
CA THR B 238 13.67 3.49 -23.65
C THR B 238 13.16 2.18 -24.28
CL CL C . 0.08 -0.03 0.31
C14 SKU D . -12.20 21.56 9.52
C15 SKU D . -11.33 22.39 8.82
C17 SKU D . -12.05 24.24 10.21
C22 SKU D . -16.13 24.72 10.84
C24 SKU D . -18.01 23.33 9.78
C26 SKU D . -19.61 22.08 8.55
C16 SKU D . -11.26 23.75 9.17
C18 SKU D . -12.89 23.37 10.89
C23 SKU D . -17.26 24.62 10.00
C29 SKU D . -16.42 26.96 10.00
C30 SKU D . -16.20 28.46 9.82
C31 SKU D . -16.76 29.12 8.74
C32 SKU D . -16.58 30.48 8.59
C33 SKU D . -15.85 31.17 9.54
C35 SKU D . -15.29 30.52 10.64
C36 SKU D . -15.47 29.16 10.77
C37 SKU D . -15.60 26.15 10.85
C39 SKU D . -12.98 22.05 10.54
N21 SKU D . -15.55 23.62 11.56
O13 SKU D . -11.69 19.33 7.94
O20 SKU D . -13.68 25.22 12.71
O25 SKU D . -19.13 23.34 8.94
O27 SKU D . -17.62 22.36 10.32
O38 SKU D . -13.84 23.02 13.43
S12 SKU D . -12.41 19.78 9.20
S19 SKU D . -13.99 23.85 12.23
S28 SKU D . -17.62 26.05 9.35
CL3 SKU D . -15.66 32.93 9.31
O1 SKU D . -11.68 19.01 10.28
C14 SKU E . 20.66 -12.29 -10.74
C15 SKU E . 21.43 -11.15 -10.58
C17 SKU E . 23.08 -12.07 -12.05
C22 SKU E . 23.97 -16.38 -11.59
C24 SKU E . 23.06 -18.29 -10.06
C26 SKU E . 22.38 -20.09 -8.66
C16 SKU E . 22.66 -11.04 -11.23
C18 SKU E . 22.27 -13.18 -12.21
C23 SKU E . 24.17 -17.44 -10.65
C29 SKU E . 26.34 -16.38 -11.24
C30 SKU E . 27.78 -15.98 -11.43
C31 SKU E . 28.75 -16.24 -10.47
C32 SKU E . 30.05 -15.86 -10.70
C33 SKU E . 30.40 -15.24 -11.90
C35 SKU E . 29.43 -14.99 -12.86
C36 SKU E . 28.12 -15.37 -12.64
C37 SKU E . 25.30 -15.74 -11.96
C39 SKU E . 21.08 -13.31 -11.56
N21 SKU E . 22.72 -15.93 -12.16
O13 SKU E . 18.97 -11.62 -8.73
O20 SKU E . 24.00 -14.28 -13.92
O25 SKU E . 23.32 -19.09 -8.92
O27 SKU E . 22.01 -18.29 -10.60
O38 SKU E . 21.81 -14.83 -14.33
S12 SKU E . 19.04 -12.53 -9.95
S19 SKU E . 22.74 -14.59 -13.23
S28 SKU E . 25.74 -17.58 -10.29
CL3 SKU E . 32.09 -14.76 -12.18
O1 SKU E . 17.93 -11.99 -10.81
#